data_2NN5
#
_entry.id   2NN5
#
_cell.length_a   58.227
_cell.length_b   69.030
_cell.length_c   86.766
_cell.angle_alpha   90.00
_cell.angle_beta   90.00
_cell.angle_gamma   90.00
#
_symmetry.space_group_name_H-M   'I 2 2 2'
#
loop_
_entity.id
_entity.type
_entity.pdbx_description
1 polymer 'Hypothetical protein EF_2215'
2 non-polymer 'MAGNESIUM ION'
3 non-polymer 1,2-ETHANEDIOL
4 water water
#
_entity_poly.entity_id   1
_entity_poly.type   'polypeptide(L)'
_entity_poly.pdbx_seq_one_letter_code
;(MSE)HHHHHHSSGVDLGTENLYFQSNA(MSE)KDTFRLENQTIYFGTERAISASPQTIWRYLTETDKLKQWFPELEIGE
LGVNGFWRFILPDFEET(MSE)PFTDYAEEKYLGVTWDTGIIYFDLKEQAPHQTLLVFSESLPENFTTPRHKDIAGWSIV
LNRLKQVVETPDAAPEKIDFPQIENHYLEKLTNLEN
;
_entity_poly.pdbx_strand_id   A
#
# COMPACT_ATOMS: atom_id res chain seq x y z
N GLY A 14 -19.31 -15.64 1.85
CA GLY A 14 -17.90 -15.17 1.86
C GLY A 14 -17.76 -13.94 2.75
N THR A 15 -16.55 -13.72 3.23
CA THR A 15 -16.31 -12.60 4.15
C THR A 15 -15.51 -11.49 3.46
N GLU A 16 -15.38 -11.58 2.14
CA GLU A 16 -14.45 -10.67 1.47
C GLU A 16 -14.91 -9.24 1.55
N ASN A 17 -16.22 -9.04 1.38
CA ASN A 17 -16.73 -7.66 1.42
C ASN A 17 -16.49 -7.07 2.81
N LEU A 18 -16.81 -7.82 3.87
CA LEU A 18 -16.69 -7.27 5.21
C LEU A 18 -15.22 -7.02 5.53
N TYR A 19 -14.34 -7.93 5.11
CA TYR A 19 -12.91 -7.75 5.38
C TYR A 19 -12.40 -6.49 4.66
N PHE A 20 -12.82 -6.30 3.41
CA PHE A 20 -12.43 -5.09 2.72
C PHE A 20 -12.93 -3.82 3.43
N GLN A 21 -14.23 -3.79 3.79
CA GLN A 21 -14.80 -2.63 4.47
CA GLN A 21 -14.82 -2.64 4.48
C GLN A 21 -14.06 -2.36 5.77
N SER A 22 -13.69 -3.41 6.48
CA SER A 22 -13.11 -3.26 7.82
CA SER A 22 -13.12 -3.25 7.82
C SER A 22 -11.75 -2.62 7.70
N ASN A 23 -11.07 -2.90 6.59
CA ASN A 23 -9.76 -2.32 6.37
C ASN A 23 -9.80 -1.00 5.64
N ALA A 24 -10.96 -0.60 5.09
CA ALA A 24 -11.12 0.75 4.47
C ALA A 24 -11.57 1.84 5.43
N LYS A 26 -10.37 3.66 7.70
CA LYS A 26 -9.64 4.91 7.95
CA LYS A 26 -9.59 4.89 7.96
C LYS A 26 -9.03 5.47 6.68
N ASP A 27 -9.57 5.10 5.54
CA ASP A 27 -9.12 5.76 4.29
C ASP A 27 -9.34 7.27 4.39
N THR A 28 -8.33 8.03 3.90
CA THR A 28 -8.41 9.47 3.90
CA THR A 28 -8.39 9.52 3.88
C THR A 28 -7.91 9.97 2.52
N PHE A 29 -8.47 11.10 2.07
CA PHE A 29 -8.14 11.67 0.77
C PHE A 29 -8.01 13.19 0.87
N ARG A 30 -7.10 13.74 0.10
CA ARG A 30 -7.03 15.17 -0.07
CA ARG A 30 -6.94 15.18 -0.04
C ARG A 30 -6.58 15.51 -1.47
N LEU A 31 -7.03 16.68 -1.95
CA LEU A 31 -6.63 17.19 -3.27
C LEU A 31 -5.96 18.53 -3.05
N GLU A 32 -4.73 18.66 -3.54
CA GLU A 32 -4.00 19.95 -3.47
C GLU A 32 -3.36 20.17 -4.83
N ASN A 33 -3.71 21.26 -5.51
CA ASN A 33 -2.98 21.56 -6.78
C ASN A 33 -2.86 20.35 -7.73
N GLN A 34 -4.03 19.81 -8.03
CA GLN A 34 -4.22 18.66 -8.92
CA GLN A 34 -4.22 18.66 -8.92
C GLN A 34 -3.63 17.31 -8.45
N THR A 35 -2.86 17.34 -7.35
CA THR A 35 -2.27 16.13 -6.78
C THR A 35 -3.21 15.53 -5.72
N ILE A 36 -3.43 14.23 -5.83
CA ILE A 36 -4.28 13.52 -4.85
C ILE A 36 -3.38 12.88 -3.81
N TYR A 37 -3.71 13.03 -2.54
CA TYR A 37 -3.04 12.35 -1.43
C TYR A 37 -3.99 11.34 -0.83
N PHE A 38 -3.49 10.13 -0.59
CA PHE A 38 -4.31 9.06 -0.05
C PHE A 38 -3.61 8.52 1.19
N GLY A 39 -4.37 8.21 2.21
CA GLY A 39 -3.83 7.59 3.44
C GLY A 39 -4.77 6.47 3.85
N THR A 40 -4.17 5.42 4.38
CA THR A 40 -5.00 4.40 5.04
C THR A 40 -4.17 3.71 6.12
N GLU A 41 -4.80 2.83 6.86
CA GLU A 41 -4.11 2.15 7.96
C GLU A 41 -4.46 0.68 7.97
N ARG A 42 -3.51 -0.13 8.41
CA ARG A 42 -3.81 -1.55 8.67
C ARG A 42 -3.34 -1.88 10.08
N ALA A 43 -4.26 -2.34 10.91
CA ALA A 43 -3.93 -2.86 12.25
C ALA A 43 -3.50 -4.31 12.02
N ILE A 44 -2.24 -4.62 12.31
CA ILE A 44 -1.70 -5.97 12.09
C ILE A 44 -1.16 -6.51 13.41
N SER A 45 -1.57 -7.74 13.77
CA SER A 45 -1.16 -8.32 15.07
CA SER A 45 -1.17 -8.34 15.05
C SER A 45 0.23 -8.97 14.97
N ALA A 46 1.21 -8.13 14.69
CA ALA A 46 2.60 -8.52 14.81
C ALA A 46 3.42 -7.30 15.16
N SER A 47 4.66 -7.51 15.58
CA SER A 47 5.53 -6.40 15.92
C SER A 47 5.99 -5.66 14.69
N PRO A 48 6.39 -4.40 14.88
CA PRO A 48 6.95 -3.67 13.73
C PRO A 48 8.16 -4.38 13.11
N GLN A 49 8.95 -5.05 13.92
CA GLN A 49 10.12 -5.74 13.41
C GLN A 49 9.69 -6.87 12.47
N THR A 50 8.61 -7.58 12.81
CA THR A 50 8.11 -8.64 11.92
C THR A 50 7.59 -8.02 10.61
N ILE A 51 6.77 -6.96 10.73
CA ILE A 51 6.15 -6.42 9.54
C ILE A 51 7.23 -5.82 8.64
N TRP A 52 8.28 -5.24 9.22
CA TRP A 52 9.36 -4.66 8.40
C TRP A 52 9.97 -5.69 7.43
N ARG A 53 10.00 -6.96 7.83
CA ARG A 53 10.60 -7.98 6.95
C ARG A 53 9.77 -8.11 5.69
N TYR A 54 8.44 -7.87 5.77
CA TYR A 54 7.61 -7.99 4.58
C TYR A 54 7.80 -6.84 3.60
N LEU A 55 8.52 -5.80 4.03
CA LEU A 55 8.83 -4.71 3.11
C LEU A 55 10.26 -4.80 2.56
N THR A 56 11.08 -5.71 3.14
CA THR A 56 12.53 -5.66 2.92
C THR A 56 13.13 -7.00 2.53
N GLU A 57 12.31 -8.03 2.33
CA GLU A 57 12.80 -9.37 1.92
C GLU A 57 11.98 -9.89 0.79
N THR A 58 12.62 -10.32 -0.30
CA THR A 58 11.85 -10.61 -1.52
C THR A 58 10.83 -11.74 -1.27
N ASP A 59 11.21 -12.76 -0.51
CA ASP A 59 10.28 -13.90 -0.38
CA ASP A 59 10.26 -13.87 -0.44
C ASP A 59 9.04 -13.50 0.38
N LYS A 60 9.17 -12.50 1.25
CA LYS A 60 8.00 -12.03 1.99
C LYS A 60 7.20 -10.97 1.21
N LEU A 61 7.93 -10.10 0.56
CA LEU A 61 7.31 -9.06 -0.27
C LEU A 61 6.44 -9.74 -1.32
N LYS A 62 6.93 -10.81 -1.93
CA LYS A 62 6.13 -11.48 -2.96
C LYS A 62 4.86 -12.16 -2.44
N GLN A 63 4.77 -12.42 -1.12
CA GLN A 63 3.54 -13.01 -0.58
C GLN A 63 2.34 -12.09 -0.70
N TRP A 64 2.59 -10.78 -0.75
CA TRP A 64 1.50 -9.84 -0.80
C TRP A 64 1.51 -8.98 -2.05
N PHE A 65 2.69 -8.81 -2.69
CA PHE A 65 2.76 -8.02 -3.92
C PHE A 65 3.75 -8.75 -4.85
N PRO A 66 3.24 -9.76 -5.59
CA PRO A 66 4.08 -10.71 -6.30
C PRO A 66 5.04 -10.11 -7.34
N GLU A 67 4.69 -8.95 -7.85
CA GLU A 67 5.50 -8.30 -8.90
C GLU A 67 6.71 -7.58 -8.34
N LEU A 68 6.75 -7.39 -7.00
CA LEU A 68 7.88 -6.66 -6.40
C LEU A 68 9.02 -7.55 -5.94
N GLU A 69 10.23 -7.02 -6.03
CA GLU A 69 11.38 -7.67 -5.39
C GLU A 69 12.30 -6.62 -4.79
N ILE A 70 13.11 -7.05 -3.84
CA ILE A 70 14.13 -6.14 -3.30
C ILE A 70 15.26 -5.95 -4.32
N GLY A 71 15.63 -4.67 -4.50
CA GLY A 71 16.86 -4.28 -5.21
C GLY A 71 18.01 -4.27 -4.22
N GLU A 72 18.05 -3.25 -3.37
CA GLU A 72 19.00 -3.16 -2.29
C GLU A 72 18.32 -2.42 -1.18
N LEU A 73 18.82 -2.61 0.03
CA LEU A 73 18.30 -1.90 1.19
C LEU A 73 19.14 -0.68 1.52
N GLY A 74 18.74 0.08 2.55
CA GLY A 74 19.57 1.22 2.97
C GLY A 74 19.10 2.55 2.35
N VAL A 75 19.85 3.62 2.65
CA VAL A 75 19.45 4.97 2.28
C VAL A 75 19.46 5.17 0.75
N ASN A 76 20.18 4.30 0.02
CA ASN A 76 20.19 4.31 -1.44
C ASN A 76 19.50 3.06 -2.00
N GLY A 77 18.60 2.46 -1.24
CA GLY A 77 18.01 1.18 -1.65
C GLY A 77 16.93 1.44 -2.70
N PHE A 78 16.30 0.34 -3.08
CA PHE A 78 15.27 0.39 -4.11
C PHE A 78 14.53 -0.96 -4.15
N TRP A 79 13.29 -0.89 -4.62
CA TRP A 79 12.53 -2.07 -5.04
C TRP A 79 12.62 -2.19 -6.55
N ARG A 80 12.28 -3.35 -7.07
CA ARG A 80 12.10 -3.48 -8.52
C ARG A 80 10.68 -3.97 -8.77
N PHE A 81 10.07 -3.51 -9.84
CA PHE A 81 8.76 -4.00 -10.27
C PHE A 81 8.97 -4.81 -11.54
N ILE A 82 8.53 -6.06 -11.54
CA ILE A 82 8.83 -6.94 -12.67
C ILE A 82 7.54 -7.57 -13.20
N LEU A 83 7.36 -7.44 -14.51
CA LEU A 83 6.29 -8.13 -15.25
C LEU A 83 6.97 -8.75 -16.45
N PRO A 84 6.27 -9.63 -17.17
CA PRO A 84 6.95 -10.20 -18.33
C PRO A 84 7.38 -9.12 -19.34
N ASP A 85 6.59 -8.07 -19.52
CA ASP A 85 6.87 -7.08 -20.56
CA ASP A 85 6.90 -7.11 -20.57
C ASP A 85 7.43 -5.78 -20.06
N PHE A 86 7.82 -5.75 -18.78
CA PHE A 86 8.18 -4.49 -18.17
C PHE A 86 8.90 -4.68 -16.84
N GLU A 87 10.04 -4.01 -16.68
CA GLU A 87 10.74 -3.98 -15.38
C GLU A 87 11.12 -2.57 -15.09
N GLU A 88 11.02 -2.16 -13.82
CA GLU A 88 11.44 -0.80 -13.48
C GLU A 88 12.01 -0.81 -12.08
N THR A 89 12.98 0.03 -11.82
CA THR A 89 13.44 0.17 -10.43
CA THR A 89 13.55 0.26 -10.50
C THR A 89 12.72 1.34 -9.77
N PRO A 91 13.40 3.72 -6.66
CA PRO A 91 14.30 4.12 -5.61
C PRO A 91 13.59 4.48 -4.29
N PHE A 92 14.21 4.11 -3.17
CA PHE A 92 13.73 4.57 -1.86
C PHE A 92 13.99 6.07 -1.75
N THR A 93 13.00 6.80 -1.24
CA THR A 93 13.18 8.21 -1.00
C THR A 93 13.39 8.45 0.49
N ASP A 94 13.14 7.45 1.33
CA ASP A 94 13.46 7.56 2.76
C ASP A 94 13.51 6.13 3.33
N TYR A 95 14.33 5.94 4.36
CA TYR A 95 14.58 4.61 4.88
C TYR A 95 15.03 4.70 6.33
N ALA A 96 14.24 4.13 7.24
CA ALA A 96 14.67 3.99 8.64
C ALA A 96 14.29 2.60 9.09
N GLU A 97 15.31 1.77 9.34
CA GLU A 97 15.10 0.38 9.71
CA GLU A 97 15.11 0.38 9.71
C GLU A 97 14.01 0.22 10.75
N GLU A 98 13.03 -0.60 10.42
CA GLU A 98 11.91 -0.99 11.31
C GLU A 98 11.01 0.17 11.72
N LYS A 99 11.06 1.28 10.95
CA LYS A 99 10.31 2.48 11.29
CA LYS A 99 10.27 2.45 11.26
C LYS A 99 9.53 3.01 10.07
N TYR A 100 10.25 3.33 8.99
CA TYR A 100 9.55 3.88 7.82
C TYR A 100 10.30 3.65 6.52
N LEU A 101 9.54 3.72 5.43
CA LEU A 101 10.07 3.46 4.09
C LEU A 101 9.28 4.28 3.10
N GLY A 102 9.98 5.12 2.34
CA GLY A 102 9.33 5.83 1.25
C GLY A 102 9.91 5.35 -0.06
N VAL A 103 9.05 5.14 -1.05
CA VAL A 103 9.44 4.52 -2.34
C VAL A 103 8.81 5.27 -3.50
N THR A 104 9.60 5.46 -4.55
CA THR A 104 9.00 6.07 -5.73
CA THR A 104 9.17 5.97 -5.82
C THR A 104 8.00 5.10 -6.34
N TRP A 105 6.90 5.68 -6.80
CA TRP A 105 5.83 4.86 -7.36
C TRP A 105 5.16 5.60 -8.52
N ASP A 106 5.35 5.10 -9.74
CA ASP A 106 4.77 5.78 -10.92
C ASP A 106 5.44 7.19 -10.84
N THR A 107 4.66 8.27 -11.01
CA THR A 107 5.24 9.62 -10.93
C THR A 107 5.12 10.22 -9.52
N GLY A 108 4.66 9.41 -8.55
CA GLY A 108 4.53 9.87 -7.16
C GLY A 108 5.34 9.03 -6.18
N ILE A 109 4.78 8.90 -4.97
CA ILE A 109 5.47 8.28 -3.82
CA ILE A 109 5.49 8.33 -3.86
C ILE A 109 4.52 7.48 -3.01
N ILE A 110 4.98 6.34 -2.51
CA ILE A 110 4.27 5.59 -1.44
C ILE A 110 5.12 5.63 -0.19
N TYR A 111 4.46 5.58 0.97
CA TYR A 111 5.16 5.75 2.26
C TYR A 111 4.54 4.82 3.28
N PHE A 112 5.39 4.02 3.94
CA PHE A 112 4.98 3.06 4.98
C PHE A 112 5.54 3.57 6.31
N ASP A 113 4.67 3.73 7.29
CA ASP A 113 5.05 4.19 8.62
C ASP A 113 4.58 3.14 9.63
N LEU A 114 5.53 2.51 10.30
CA LEU A 114 5.20 1.41 11.20
CA LEU A 114 5.19 1.42 11.21
C LEU A 114 5.07 1.99 12.61
N LYS A 115 3.85 2.10 13.08
CA LYS A 115 3.58 2.69 14.40
CA LYS A 115 3.56 2.67 14.40
C LYS A 115 3.28 1.56 15.41
N GLU A 116 4.11 1.41 16.44
CA GLU A 116 3.86 0.34 17.45
C GLU A 116 2.63 0.70 18.26
N GLN A 117 1.69 -0.25 18.40
CA GLN A 117 0.51 -0.03 19.23
C GLN A 117 0.73 -0.76 20.55
N ALA A 118 1.38 -1.93 20.46
CA ALA A 118 1.70 -2.83 21.60
C ALA A 118 2.85 -3.73 21.14
N PRO A 119 3.48 -4.53 22.06
CA PRO A 119 4.70 -5.25 21.61
C PRO A 119 4.51 -6.13 20.35
N HIS A 120 3.29 -6.62 20.22
CA HIS A 120 2.93 -7.50 19.09
C HIS A 120 1.75 -6.95 18.29
N GLN A 121 1.61 -5.62 18.29
CA GLN A 121 0.56 -5.01 17.49
C GLN A 121 1.07 -3.77 16.84
N THR A 122 0.87 -3.65 15.53
CA THR A 122 1.39 -2.52 14.80
C THR A 122 0.26 -1.86 14.03
N LEU A 123 0.31 -0.54 13.91
CA LEU A 123 -0.54 0.15 12.97
CA LEU A 123 -0.53 0.16 12.96
C LEU A 123 0.36 0.56 11.82
N LEU A 124 0.14 -0.07 10.67
CA LEU A 124 0.89 0.28 9.48
C LEU A 124 0.11 1.41 8.82
N VAL A 125 0.71 2.60 8.76
CA VAL A 125 0.07 3.77 8.17
C VAL A 125 0.68 3.91 6.76
N PHE A 126 -0.16 3.78 5.76
CA PHE A 126 0.25 3.89 4.35
C PHE A 126 -0.20 5.25 3.82
N SER A 127 0.69 5.97 3.14
CA SER A 127 0.24 7.19 2.49
C SER A 127 0.88 7.33 1.11
N GLU A 128 0.19 8.07 0.22
CA GLU A 128 0.64 8.08 -1.18
C GLU A 128 0.34 9.43 -1.80
N SER A 129 1.25 9.87 -2.68
CA SER A 129 1.07 11.10 -3.49
CA SER A 129 0.99 11.06 -3.47
C SER A 129 0.85 10.65 -4.92
N LEU A 130 -0.23 11.10 -5.53
CA LEU A 130 -0.58 10.77 -6.92
C LEU A 130 -0.81 12.02 -7.75
N PRO A 131 0.27 12.48 -8.37
CA PRO A 131 0.14 13.68 -9.21
C PRO A 131 -0.75 13.41 -10.40
N GLU A 132 -1.17 14.51 -11.04
CA GLU A 132 -2.11 14.44 -12.14
CA GLU A 132 -2.09 14.48 -12.18
C GLU A 132 -1.56 13.68 -13.37
N ASN A 133 -0.22 13.63 -13.51
CA ASN A 133 0.40 12.87 -14.61
C ASN A 133 0.59 11.36 -14.35
N PHE A 134 0.03 10.85 -13.23
CA PHE A 134 0.08 9.42 -12.99
C PHE A 134 -0.34 8.68 -14.23
N THR A 135 0.40 7.63 -14.57
CA THR A 135 0.11 6.85 -15.76
C THR A 135 -1.11 5.94 -15.61
N THR A 136 -1.33 5.38 -14.43
CA THR A 136 -2.49 4.53 -14.13
C THR A 136 -3.61 5.48 -13.63
N PRO A 137 -4.90 5.24 -13.99
CA PRO A 137 -5.94 6.10 -13.37
C PRO A 137 -5.82 6.02 -11.85
N ARG A 138 -5.83 7.17 -11.21
CA ARG A 138 -5.47 7.21 -9.78
C ARG A 138 -6.37 6.38 -8.90
N HIS A 139 -7.68 6.33 -9.20
CA HIS A 139 -8.57 5.54 -8.36
C HIS A 139 -8.26 4.03 -8.50
N LYS A 140 -7.76 3.62 -9.67
CA LYS A 140 -7.40 2.21 -9.85
CA LYS A 140 -7.40 2.24 -9.89
C LYS A 140 -6.12 1.88 -9.11
N ASP A 141 -5.19 2.83 -9.05
CA ASP A 141 -3.96 2.57 -8.31
C ASP A 141 -4.25 2.48 -6.82
N ILE A 142 -5.09 3.41 -6.29
CA ILE A 142 -5.52 3.33 -4.88
C ILE A 142 -6.27 2.04 -4.56
N ALA A 143 -7.16 1.60 -5.46
CA ALA A 143 -7.86 0.32 -5.27
C ALA A 143 -6.84 -0.79 -5.17
N GLY A 144 -5.83 -0.77 -6.06
CA GLY A 144 -4.80 -1.82 -6.03
C GLY A 144 -4.05 -1.85 -4.70
N TRP A 145 -3.67 -0.68 -4.20
CA TRP A 145 -2.99 -0.64 -2.90
C TRP A 145 -3.88 -1.12 -1.77
N SER A 146 -5.16 -0.75 -1.78
CA SER A 146 -6.04 -1.20 -0.71
CA SER A 146 -6.10 -1.20 -0.73
C SER A 146 -6.10 -2.73 -0.68
N ILE A 147 -6.13 -3.35 -1.87
CA ILE A 147 -6.22 -4.81 -2.00
C ILE A 147 -4.92 -5.46 -1.52
N VAL A 148 -3.77 -4.96 -2.00
CA VAL A 148 -2.55 -5.66 -1.58
C VAL A 148 -2.23 -5.40 -0.12
N LEU A 149 -2.60 -4.24 0.42
CA LEU A 149 -2.40 -4.01 1.87
C LEU A 149 -3.27 -4.95 2.70
N ASN A 150 -4.50 -5.23 2.21
CA ASN A 150 -5.29 -6.25 2.88
C ASN A 150 -4.60 -7.60 2.84
N ARG A 151 -4.02 -7.93 1.66
CA ARG A 151 -3.27 -9.19 1.60
C ARG A 151 -2.07 -9.18 2.55
N LEU A 152 -1.36 -8.06 2.66
CA LEU A 152 -0.24 -8.01 3.61
C LEU A 152 -0.69 -8.35 5.03
N LYS A 153 -1.78 -7.73 5.50
CA LYS A 153 -2.28 -8.04 6.83
CA LYS A 153 -2.26 -8.04 6.83
C LYS A 153 -2.60 -9.54 6.94
N GLN A 154 -3.26 -10.07 5.93
CA GLN A 154 -3.65 -11.47 5.95
C GLN A 154 -2.47 -12.41 6.00
N VAL A 155 -1.46 -12.17 5.18
CA VAL A 155 -0.32 -13.10 5.16
C VAL A 155 0.53 -13.02 6.42
N VAL A 156 0.58 -11.84 7.04
CA VAL A 156 1.34 -11.71 8.30
C VAL A 156 0.56 -12.45 9.42
N GLU A 157 -0.76 -12.27 9.48
CA GLU A 157 -1.53 -12.86 10.58
C GLU A 157 -1.88 -14.32 10.37
N THR A 158 -2.19 -14.67 9.13
CA THR A 158 -2.67 -16.02 8.80
C THR A 158 -2.00 -16.47 7.50
N PRO A 159 -0.70 -16.85 7.56
CA PRO A 159 0.17 -17.16 6.41
C PRO A 159 -0.41 -18.10 5.33
N ASP A 160 -1.31 -19.01 5.71
CA ASP A 160 -1.97 -19.83 4.68
C ASP A 160 -3.47 -19.64 4.51
N ALA A 161 -3.97 -18.46 4.86
CA ALA A 161 -5.35 -18.12 4.55
C ALA A 161 -5.45 -18.05 3.03
N ALA A 162 -6.60 -18.44 2.49
CA ALA A 162 -6.85 -18.33 1.05
C ALA A 162 -6.86 -16.85 0.69
N PRO A 163 -6.24 -16.48 -0.44
CA PRO A 163 -6.40 -15.08 -0.88
C PRO A 163 -7.85 -14.63 -1.03
N GLU A 164 -8.08 -13.35 -0.87
CA GLU A 164 -9.43 -12.83 -1.01
C GLU A 164 -9.93 -12.74 -2.45
C GLU A 164 -9.82 -12.96 -2.50
N LYS A 165 -11.05 -13.39 -2.73
CA LYS A 165 -11.67 -13.36 -4.04
C LYS A 165 -12.39 -12.01 -4.15
N ILE A 166 -11.68 -10.98 -4.55
CA ILE A 166 -12.31 -9.67 -4.48
C ILE A 166 -12.89 -9.27 -5.82
N ASP A 167 -13.80 -8.32 -5.73
CA ASP A 167 -14.47 -7.77 -6.86
C ASP A 167 -13.77 -6.47 -7.25
N PHE A 168 -12.74 -6.55 -8.10
CA PHE A 168 -11.92 -5.39 -8.49
CA PHE A 168 -11.96 -5.38 -8.43
C PHE A 168 -12.78 -4.24 -9.04
N PRO A 169 -13.65 -4.53 -10.04
CA PRO A 169 -14.46 -3.40 -10.54
C PRO A 169 -15.25 -2.64 -9.46
N GLN A 170 -15.77 -3.37 -8.47
CA GLN A 170 -16.55 -2.78 -7.41
C GLN A 170 -15.67 -1.85 -6.50
N ILE A 171 -14.52 -2.36 -6.15
CA ILE A 171 -13.55 -1.59 -5.38
C ILE A 171 -13.08 -0.37 -6.19
N GLU A 172 -12.79 -0.58 -7.48
CA GLU A 172 -12.33 0.53 -8.31
CA GLU A 172 -12.36 0.50 -8.36
C GLU A 172 -13.40 1.62 -8.40
N ASN A 173 -14.68 1.24 -8.53
CA ASN A 173 -15.75 2.21 -8.51
C ASN A 173 -15.90 2.97 -7.16
N HIS A 174 -15.72 2.24 -6.06
CA HIS A 174 -15.72 2.91 -4.77
C HIS A 174 -14.70 4.03 -4.70
N TYR A 175 -13.49 3.74 -5.18
CA TYR A 175 -12.47 4.76 -5.14
C TYR A 175 -12.66 5.85 -6.18
N LEU A 176 -13.27 5.50 -7.32
CA LEU A 176 -13.64 6.52 -8.29
C LEU A 176 -14.57 7.55 -7.61
N GLU A 177 -15.58 7.07 -6.85
CA GLU A 177 -16.53 8.01 -6.23
C GLU A 177 -15.82 8.86 -5.15
N LYS A 178 -14.89 8.24 -4.41
CA LYS A 178 -14.15 9.03 -3.39
C LYS A 178 -13.37 10.16 -4.08
N LEU A 179 -12.67 9.85 -5.19
CA LEU A 179 -11.84 10.90 -5.84
C LEU A 179 -12.70 11.95 -6.54
N THR A 180 -13.78 11.51 -7.13
CA THR A 180 -14.65 12.40 -7.84
CA THR A 180 -14.69 12.44 -7.84
C THR A 180 -15.23 13.43 -6.85
N ASN A 181 -15.49 12.97 -5.63
CA ASN A 181 -16.00 13.89 -4.63
C ASN A 181 -15.02 14.99 -4.26
N LEU A 182 -13.71 14.78 -4.49
CA LEU A 182 -12.69 15.81 -4.18
C LEU A 182 -12.72 16.96 -5.16
N GLU A 183 -13.23 16.75 -6.35
CA GLU A 183 -13.21 17.85 -7.33
C GLU A 183 -13.99 19.09 -6.80
N ASN A 184 -13.60 20.31 -7.17
CA ASN A 184 -14.46 21.48 -6.85
C ASN A 184 -15.66 21.35 -7.81
#